data_2XGG
#
_entry.id   2XGG
#
_cell.length_a   63.034
_cell.length_b   63.034
_cell.length_c   157.626
_cell.angle_alpha   90.00
_cell.angle_beta   90.00
_cell.angle_gamma   90.00
#
_symmetry.space_group_name_H-M   'P 43 21 2'
#
loop_
_entity.id
_entity.type
_entity.pdbx_description
1 polymer 'MICRONEME PROTEIN 2'
2 non-polymer GLYCEROL
3 water water
#
_entity_poly.entity_id   1
_entity_poly.type   'polypeptide(L)'
_entity_poly.pdbx_seq_one_letter_code
;ADLGSLVPRGSAMGTNQLDICFLIDSSGSIGIQNFRLVKQFLHTFLMVLPIGPEEVNNAVVTYSTDVHLQWDLQSPNAVD
KQLAAHAVLDMPYKKGSTNTSDGLKACKQILFTGSRPGREHVPKLVIGMTDGESDSDFRTVRAAKEIRELGGIVTVLAVG
HYVAAALVPRGSHHHHHH
;
_entity_poly.pdbx_strand_id   A,B
#
# COMPACT_ATOMS: atom_id res chain seq x y z
N GLY A 14 -9.51 10.26 -8.45
CA GLY A 14 -9.80 9.00 -9.14
C GLY A 14 -9.16 7.78 -8.46
N THR A 15 -9.56 6.62 -8.96
CA THR A 15 -8.89 5.38 -8.62
C THR A 15 -7.42 5.54 -9.03
N ASN A 16 -6.53 4.92 -8.26
CA ASN A 16 -5.09 4.83 -8.55
C ASN A 16 -4.37 6.18 -8.42
N GLN A 17 -5.02 7.22 -7.92
CA GLN A 17 -4.28 8.49 -7.79
C GLN A 17 -3.73 8.70 -6.39
N LEU A 18 -2.41 8.62 -6.23
CA LEU A 18 -1.76 8.61 -4.91
C LEU A 18 -0.40 9.23 -5.16
N ASP A 19 0.06 9.99 -4.17
CA ASP A 19 1.43 10.35 -4.07
C ASP A 19 2.10 9.56 -2.92
N ILE A 20 3.20 8.84 -3.23
CA ILE A 20 3.84 7.98 -2.25
C ILE A 20 5.24 8.40 -2.14
N CYS A 21 5.66 8.71 -0.91
CA CYS A 21 7.07 8.83 -0.58
C CYS A 21 7.53 7.58 0.15
N PHE A 22 8.38 6.80 -0.52
CA PHE A 22 9.00 5.63 0.03
C PHE A 22 10.23 6.07 0.83
N LEU A 23 10.28 5.66 2.09
CA LEU A 23 11.34 6.09 2.98
C LEU A 23 12.05 4.83 3.45
N ILE A 24 13.28 4.62 2.97
CA ILE A 24 13.98 3.33 3.14
C ILE A 24 15.12 3.46 4.13
N ASP A 25 15.07 2.64 5.17
CA ASP A 25 16.08 2.62 6.19
C ASP A 25 17.35 2.01 5.58
N SER A 26 18.44 2.76 5.60
CA SER A 26 19.74 2.26 5.15
C SER A 26 20.76 2.17 6.32
N SER A 27 20.31 2.27 7.57
CA SER A 27 21.21 2.34 8.74
C SER A 27 22.09 1.08 8.93
N GLY A 28 23.10 1.16 9.81
CA GLY A 28 23.96 0.02 10.14
C GLY A 28 23.18 -1.07 10.86
N SER A 29 22.28 -0.62 11.75
CA SER A 29 21.27 -1.45 12.42
C SER A 29 20.72 -2.60 11.56
N ILE A 30 20.46 -2.32 10.28
CA ILE A 30 19.78 -3.28 9.40
C ILE A 30 20.73 -4.31 8.72
N GLY A 31 21.88 -3.87 8.19
CA GLY A 31 22.74 -4.82 7.49
C GLY A 31 22.51 -4.83 5.99
N ILE A 32 23.57 -5.19 5.26
CA ILE A 32 23.61 -5.12 3.81
C ILE A 32 22.73 -6.21 3.19
N GLN A 33 22.66 -7.38 3.84
CA GLN A 33 21.80 -8.51 3.46
C GLN A 33 20.35 -8.09 3.43
N ASN A 34 19.89 -7.57 4.57
CA ASN A 34 18.53 -7.09 4.73
C ASN A 34 18.24 -5.85 3.92
N PHE A 35 19.26 -5.01 3.68
CA PHE A 35 19.11 -3.88 2.75
C PHE A 35 18.76 -4.33 1.33
N ARG A 36 19.48 -5.32 0.83
CA ARG A 36 19.24 -5.83 -0.53
C ARG A 36 17.85 -6.49 -0.61
N LEU A 37 17.38 -7.04 0.51
CA LEU A 37 16.05 -7.67 0.54
C LEU A 37 15.02 -6.55 0.38
N VAL A 38 15.14 -5.48 1.16
CA VAL A 38 14.24 -4.33 1.09
C VAL A 38 14.13 -3.82 -0.33
N LYS A 39 15.29 -3.65 -0.96
CA LYS A 39 15.38 -3.19 -2.34
C LYS A 39 14.62 -4.09 -3.28
N GLN A 40 14.69 -5.40 -3.01
CA GLN A 40 14.02 -6.36 -3.88
C GLN A 40 12.50 -6.31 -3.64
N PHE A 41 12.06 -6.19 -2.38
CA PHE A 41 10.63 -6.04 -2.09
C PHE A 41 10.03 -4.74 -2.71
N LEU A 42 10.73 -3.62 -2.52
CA LEU A 42 10.43 -2.34 -3.20
C LEU A 42 10.39 -2.39 -4.73
N HIS A 43 11.30 -3.11 -5.36
CA HIS A 43 11.25 -3.29 -6.83
C HIS A 43 9.90 -3.95 -7.26
N THR A 44 9.54 -5.05 -6.59
CA THR A 44 8.29 -5.78 -6.89
C THR A 44 7.07 -4.88 -6.62
N PHE A 45 7.13 -4.17 -5.49
CA PHE A 45 5.99 -3.35 -5.05
C PHE A 45 5.78 -2.27 -6.12
N LEU A 46 6.87 -1.59 -6.52
CA LEU A 46 6.83 -0.68 -7.68
C LEU A 46 6.31 -1.32 -8.97
N MET A 47 6.71 -2.55 -9.29
CA MET A 47 6.22 -3.23 -10.52
C MET A 47 4.67 -3.48 -10.53
N VAL A 48 4.05 -3.66 -9.35
CA VAL A 48 2.58 -3.96 -9.30
C VAL A 48 1.69 -2.72 -9.20
N LEU A 49 2.27 -1.63 -8.73
CA LEU A 49 1.58 -0.36 -8.57
C LEU A 49 1.26 0.25 -9.94
N PRO A 50 0.07 0.89 -10.06
CA PRO A 50 -0.34 1.55 -11.28
C PRO A 50 0.35 2.94 -11.31
N ILE A 51 1.66 2.93 -11.51
CA ILE A 51 2.47 4.15 -11.57
C ILE A 51 2.26 4.78 -12.97
N GLY A 52 2.11 6.10 -13.02
CA GLY A 52 1.92 6.81 -14.29
C GLY A 52 1.74 8.27 -13.99
N PRO A 53 1.81 9.15 -15.03
CA PRO A 53 1.55 10.58 -14.73
C PRO A 53 0.18 10.87 -14.11
N GLU A 54 -0.86 10.12 -14.47
CA GLU A 54 -2.22 10.49 -14.03
C GLU A 54 -2.66 9.61 -12.82
N GLU A 55 -1.75 8.73 -12.41
CA GLU A 55 -2.12 7.70 -11.44
C GLU A 55 -1.20 7.82 -10.24
N VAL A 56 -0.52 6.73 -9.87
CA VAL A 56 0.47 6.75 -8.76
C VAL A 56 1.78 7.44 -9.18
N ASN A 57 2.22 8.44 -8.40
CA ASN A 57 3.50 9.09 -8.51
C ASN A 57 4.36 8.65 -7.32
N ASN A 58 5.63 8.34 -7.54
CA ASN A 58 6.44 7.92 -6.42
C ASN A 58 7.73 8.73 -6.24
N ALA A 59 8.19 8.88 -4.98
CA ALA A 59 9.47 9.46 -4.69
C ALA A 59 10.11 8.44 -3.76
N VAL A 60 11.44 8.44 -3.75
CA VAL A 60 12.16 7.50 -2.93
C VAL A 60 13.25 8.26 -2.20
N VAL A 61 13.29 8.11 -0.88
CA VAL A 61 14.41 8.57 -0.11
C VAL A 61 14.96 7.50 0.83
N THR A 62 16.29 7.43 0.95
CA THR A 62 16.89 6.44 1.84
C THR A 62 17.44 7.24 3.01
N TYR A 63 17.70 6.58 4.12
CA TYR A 63 18.20 7.31 5.25
C TYR A 63 19.03 6.45 6.18
N SER A 64 20.14 7.04 6.61
CA SER A 64 20.84 6.53 7.78
C SER A 64 21.12 7.71 8.66
N THR A 65 22.41 8.07 8.79
CA THR A 65 22.81 9.22 9.59
C THR A 65 22.24 10.47 8.94
N ASP A 66 22.34 10.51 7.61
CA ASP A 66 21.83 11.60 6.78
C ASP A 66 20.79 11.08 5.80
N VAL A 67 19.89 11.97 5.40
CA VAL A 67 18.92 11.65 4.38
C VAL A 67 19.50 11.78 2.94
N HIS A 68 19.33 10.72 2.16
CA HIS A 68 19.73 10.74 0.76
C HIS A 68 18.51 10.68 -0.13
N LEU A 69 18.14 11.84 -0.68
CA LEU A 69 17.13 11.88 -1.71
C LEU A 69 17.55 11.05 -2.92
N GLN A 70 16.71 10.08 -3.33
CA GLN A 70 16.94 9.32 -4.56
C GLN A 70 16.20 9.96 -5.72
N TRP A 71 14.92 10.33 -5.53
CA TRP A 71 14.20 11.19 -6.50
C TRP A 71 12.97 11.73 -5.85
N ASP A 72 12.54 12.93 -6.26
CA ASP A 72 11.29 13.50 -5.75
C ASP A 72 10.16 13.29 -6.77
N LEU A 73 9.02 13.94 -6.58
CA LEU A 73 7.87 13.67 -7.42
C LEU A 73 8.01 14.35 -8.80
N GLN A 74 9.03 15.21 -8.95
CA GLN A 74 9.30 15.98 -10.22
C GLN A 74 10.14 15.20 -11.20
N SER A 75 10.80 14.15 -10.71
CA SER A 75 11.66 13.29 -11.47
C SER A 75 10.84 12.49 -12.47
N PRO A 76 11.48 12.14 -13.61
CA PRO A 76 10.84 11.21 -14.55
C PRO A 76 10.57 9.81 -13.94
N ASN A 77 11.36 9.43 -12.93
CA ASN A 77 11.18 8.16 -12.19
C ASN A 77 9.85 8.08 -11.39
N ALA A 78 9.26 9.23 -11.09
CA ALA A 78 8.05 9.32 -10.30
C ALA A 78 6.83 8.88 -11.09
N VAL A 79 6.93 8.89 -12.41
CA VAL A 79 5.78 8.62 -13.24
C VAL A 79 6.02 7.47 -14.22
N ASP A 80 7.16 6.78 -14.09
CA ASP A 80 7.52 5.71 -14.99
C ASP A 80 7.94 4.49 -14.20
N LYS A 81 7.11 3.46 -14.27
CA LYS A 81 7.31 2.25 -13.48
C LYS A 81 8.70 1.64 -13.71
N GLN A 82 9.12 1.57 -14.98
CA GLN A 82 10.43 0.93 -15.29
C GLN A 82 11.66 1.69 -14.83
N LEU A 83 11.67 2.97 -15.09
CA LEU A 83 12.67 3.84 -14.48
C LEU A 83 12.82 3.58 -12.97
N ALA A 84 11.71 3.70 -12.23
CA ALA A 84 11.77 3.65 -10.77
C ALA A 84 12.25 2.25 -10.34
N ALA A 85 11.67 1.20 -10.90
CA ALA A 85 12.04 -0.12 -10.45
C ALA A 85 13.57 -0.43 -10.62
N HIS A 86 14.13 -0.03 -11.77
CA HIS A 86 15.57 -0.30 -12.07
C HIS A 86 16.42 0.57 -11.16
N ALA A 87 16.05 1.83 -10.97
CA ALA A 87 16.86 2.69 -10.11
C ALA A 87 16.90 2.19 -8.67
N VAL A 88 15.78 1.68 -8.12
CA VAL A 88 15.83 1.20 -6.72
C VAL A 88 16.89 0.11 -6.51
N LEU A 89 17.03 -0.80 -7.48
CA LEU A 89 18.05 -1.89 -7.32
C LEU A 89 19.50 -1.41 -7.12
N ASP A 90 19.90 -0.37 -7.86
CA ASP A 90 21.24 0.25 -7.80
C ASP A 90 21.54 1.00 -6.50
N MET A 91 20.52 1.36 -5.71
CA MET A 91 20.71 2.24 -4.53
C MET A 91 21.75 1.72 -3.55
N PRO A 92 22.70 2.59 -3.15
CA PRO A 92 23.83 2.13 -2.35
C PRO A 92 23.48 1.89 -0.90
N TYR A 93 24.02 0.82 -0.31
CA TYR A 93 24.00 0.72 1.17
C TYR A 93 24.87 1.83 1.73
N LYS A 94 24.50 2.34 2.90
CA LYS A 94 25.13 3.49 3.52
C LYS A 94 25.04 3.31 5.05
N LYS A 95 25.98 2.55 5.61
CA LYS A 95 25.92 2.21 7.04
C LYS A 95 25.84 3.47 7.90
N GLY A 96 25.22 3.36 9.07
CA GLY A 96 25.04 4.55 9.89
C GLY A 96 24.02 4.43 10.99
N SER A 97 23.65 5.59 11.54
CA SER A 97 22.57 5.67 12.51
C SER A 97 21.24 5.81 11.78
N THR A 98 20.20 6.18 12.52
CA THR A 98 18.82 6.04 12.06
C THR A 98 18.06 7.35 12.18
N ASN A 99 18.22 8.20 11.19
CA ASN A 99 17.65 9.51 11.27
C ASN A 99 16.25 9.54 10.66
N THR A 100 15.34 8.85 11.33
CA THR A 100 13.94 8.75 10.95
C THR A 100 13.24 10.14 10.87
N SER A 101 13.47 10.98 11.89
CA SER A 101 12.93 12.35 11.90
C SER A 101 13.25 13.14 10.59
N ASP A 102 14.53 13.21 10.22
CA ASP A 102 14.91 13.91 8.98
C ASP A 102 14.45 13.18 7.72
N GLY A 103 14.49 11.85 7.74
CA GLY A 103 13.81 11.08 6.68
C GLY A 103 12.38 11.58 6.47
N LEU A 104 11.59 11.64 7.55
CA LEU A 104 10.19 12.07 7.45
C LEU A 104 9.98 13.55 7.08
N LYS A 105 10.86 14.42 7.57
CA LYS A 105 10.85 15.83 7.13
C LYS A 105 11.00 15.89 5.64
N ALA A 106 11.97 15.17 5.07
CA ALA A 106 12.09 15.14 3.60
C ALA A 106 10.85 14.69 2.85
N CYS A 107 10.22 13.57 3.28
CA CYS A 107 9.00 13.08 2.66
C CYS A 107 7.89 14.11 2.79
N LYS A 108 7.82 14.75 3.96
CA LYS A 108 6.86 15.82 4.12
C LYS A 108 7.04 16.95 3.07
N GLN A 109 8.27 17.39 2.87
CA GLN A 109 8.54 18.47 1.94
C GLN A 109 8.14 18.04 0.53
N ILE A 110 8.61 16.85 0.14
CA ILE A 110 8.23 16.27 -1.15
C ILE A 110 6.70 16.19 -1.35
N LEU A 111 5.96 15.65 -0.35
CA LEU A 111 4.55 15.34 -0.55
C LEU A 111 3.68 16.59 -0.64
N PHE A 112 3.98 17.56 0.21
CA PHE A 112 3.04 18.67 0.45
C PHE A 112 3.48 19.98 -0.24
N THR A 113 4.74 20.12 -0.59
CA THR A 113 5.12 21.25 -1.43
C THR A 113 5.53 20.89 -2.85
N GLY A 114 5.87 19.63 -3.09
CA GLY A 114 6.49 19.24 -4.32
C GLY A 114 5.80 18.25 -5.21
N SER A 115 4.49 18.26 -5.22
CA SER A 115 3.79 17.40 -6.13
C SER A 115 3.79 18.01 -7.49
N ARG A 116 3.42 17.24 -8.48
CA ARG A 116 3.15 17.77 -9.77
C ARG A 116 1.84 18.50 -9.70
N PRO A 117 1.55 19.28 -10.69
CA PRO A 117 0.31 20.03 -10.70
C PRO A 117 -0.83 19.16 -11.12
N GLY A 118 -2.03 19.45 -10.72
CA GLY A 118 -2.37 19.92 -9.42
C GLY A 118 -2.78 18.62 -8.79
N ARG A 119 -1.88 18.05 -8.03
CA ARG A 119 -2.16 16.86 -7.32
C ARG A 119 -2.20 17.24 -5.87
N GLU A 120 -2.51 18.50 -5.66
CA GLU A 120 -2.59 19.06 -4.35
C GLU A 120 -3.66 18.36 -3.58
N HIS A 121 -4.63 17.82 -4.27
CA HIS A 121 -5.72 17.16 -3.59
C HIS A 121 -5.54 15.68 -3.38
N VAL A 122 -4.58 15.07 -4.03
CA VAL A 122 -4.60 13.61 -4.07
C VAL A 122 -4.02 13.07 -2.76
N PRO A 123 -4.44 11.87 -2.32
CA PRO A 123 -3.92 11.29 -1.07
C PRO A 123 -2.38 11.26 -1.02
N LYS A 124 -1.80 11.59 0.12
CA LYS A 124 -0.33 11.68 0.29
C LYS A 124 0.11 10.58 1.25
N LEU A 125 1.03 9.71 0.85
CA LEU A 125 1.44 8.61 1.74
C LEU A 125 2.92 8.53 1.93
N VAL A 126 3.30 8.20 3.14
CA VAL A 126 4.64 7.84 3.42
C VAL A 126 4.59 6.33 3.62
N ILE A 127 5.43 5.59 2.89
CA ILE A 127 5.53 4.14 3.15
C ILE A 127 6.98 3.92 3.56
N GLY A 128 7.20 3.67 4.83
CA GLY A 128 8.54 3.35 5.33
C GLY A 128 8.86 1.88 5.12
N MET A 129 10.13 1.58 4.86
CA MET A 129 10.56 0.18 4.80
C MET A 129 11.77 -0.02 5.67
N THR A 130 11.59 -0.87 6.68
CA THR A 130 12.61 -1.16 7.70
C THR A 130 12.71 -2.68 7.86
N ASP A 131 13.51 -3.11 8.83
CA ASP A 131 13.70 -4.53 9.09
C ASP A 131 12.71 -5.04 10.12
N GLY A 132 11.48 -4.53 10.06
CA GLY A 132 10.44 -4.92 10.98
C GLY A 132 10.56 -4.23 12.32
N GLU A 133 11.76 -3.72 12.61
CA GLU A 133 12.02 -3.03 13.87
C GLU A 133 12.29 -1.55 13.63
N SER A 134 12.18 -0.75 14.69
CA SER A 134 12.41 0.69 14.60
C SER A 134 11.21 1.40 14.00
N ASP A 135 10.02 0.93 14.37
CA ASP A 135 8.78 1.53 13.86
C ASP A 135 8.16 2.46 14.90
N SER A 136 8.79 2.56 16.05
CA SER A 136 8.31 3.42 17.12
C SER A 136 8.46 4.89 16.77
N ASP A 137 9.58 5.24 16.16
CA ASP A 137 9.84 6.59 15.77
C ASP A 137 8.84 7.04 14.72
N PHE A 138 8.42 6.14 13.85
CA PHE A 138 7.41 6.45 12.86
C PHE A 138 6.08 6.85 13.46
N ARG A 139 5.83 6.41 14.67
CA ARG A 139 4.65 6.88 15.41
C ARG A 139 4.82 8.17 16.13
N THR A 140 6.02 8.40 16.69
CA THR A 140 6.08 9.38 17.80
C THR A 140 6.76 10.67 17.46
N VAL A 141 7.72 10.65 16.51
CA VAL A 141 8.44 11.90 16.19
C VAL A 141 7.53 12.95 15.54
N ARG A 142 7.96 14.22 15.68
CA ARG A 142 7.13 15.39 15.39
C ARG A 142 6.79 15.43 13.92
N ALA A 143 7.79 15.08 13.12
CA ALA A 143 7.69 15.09 11.66
C ALA A 143 6.56 14.20 11.18
N ALA A 144 6.39 13.04 11.86
CA ALA A 144 5.33 12.08 11.56
C ALA A 144 3.98 12.68 11.92
N LYS A 145 3.90 13.20 13.13
CA LYS A 145 2.72 13.90 13.59
C LYS A 145 2.29 15.02 12.62
N GLU A 146 3.24 15.84 12.20
CA GLU A 146 2.99 16.94 11.26
C GLU A 146 2.40 16.41 9.96
N ILE A 147 3.00 15.36 9.37
CA ILE A 147 2.40 14.65 8.22
C ILE A 147 0.97 14.24 8.50
N ARG A 148 0.74 13.60 9.64
CA ARG A 148 -0.59 13.11 9.87
C ARG A 148 -1.61 14.26 10.01
N GLU A 149 -1.18 15.35 10.65
CA GLU A 149 -2.05 16.54 10.84
C GLU A 149 -2.32 17.29 9.48
N LEU A 150 -1.35 17.32 8.56
CA LEU A 150 -1.64 17.60 7.14
C LEU A 150 -2.57 16.62 6.40
N GLY A 151 -3.04 15.54 7.04
CA GLY A 151 -3.86 14.55 6.32
C GLY A 151 -3.01 13.46 5.61
N GLY A 152 -1.70 13.51 5.77
CA GLY A 152 -0.81 12.48 5.21
C GLY A 152 -0.90 11.13 5.97
N ILE A 153 -0.80 10.02 5.22
CA ILE A 153 -0.91 8.67 5.80
C ILE A 153 0.47 8.03 5.94
N VAL A 154 0.83 7.63 7.15
CA VAL A 154 2.16 7.09 7.42
C VAL A 154 2.08 5.64 7.81
N THR A 155 2.70 4.78 7.01
CA THR A 155 2.62 3.33 7.21
C THR A 155 3.99 2.75 7.05
N VAL A 156 4.43 1.89 8.00
CA VAL A 156 5.81 1.33 7.96
C VAL A 156 5.69 -0.16 7.66
N LEU A 157 6.43 -0.62 6.65
CA LEU A 157 6.45 -2.03 6.29
C LEU A 157 7.69 -2.67 6.92
N ALA A 158 7.50 -3.83 7.53
CA ALA A 158 8.59 -4.53 8.19
C ALA A 158 9.12 -5.62 7.27
N VAL A 159 10.01 -5.25 6.35
CA VAL A 159 10.51 -6.18 5.33
C VAL A 159 11.69 -6.95 5.92
N GLY A 160 11.39 -8.14 6.42
CA GLY A 160 12.30 -8.81 7.38
C GLY A 160 11.68 -10.07 7.98
N MET B 13 -5.65 10.42 13.94
CA MET B 13 -5.09 9.36 13.00
C MET B 13 -3.65 9.08 13.39
N GLY B 14 -3.38 7.81 13.69
CA GLY B 14 -2.03 7.39 14.05
C GLY B 14 -1.26 6.81 12.87
N THR B 15 0.03 6.72 13.02
CA THR B 15 0.91 5.91 12.13
C THR B 15 0.40 4.46 12.14
N ASN B 16 0.40 3.85 10.97
CA ASN B 16 0.10 2.41 10.84
C ASN B 16 -1.35 2.07 11.10
N GLN B 17 -2.25 3.04 11.01
CA GLN B 17 -3.68 2.73 11.13
C GLN B 17 -4.35 2.81 9.79
N LEU B 18 -4.90 1.68 9.27
CA LEU B 18 -5.61 1.65 7.98
C LEU B 18 -6.62 0.54 8.14
N ASP B 19 -7.79 0.76 7.56
CA ASP B 19 -8.77 -0.35 7.31
C ASP B 19 -8.65 -0.64 5.82
N ILE B 20 -8.24 -1.87 5.46
CA ILE B 20 -8.02 -2.19 4.08
C ILE B 20 -9.03 -3.30 3.73
N CYS B 21 -9.73 -3.13 2.62
CA CYS B 21 -10.49 -4.24 2.09
C CYS B 21 -9.74 -4.70 0.89
N PHE B 22 -9.18 -5.89 0.95
CA PHE B 22 -8.53 -6.43 -0.28
C PHE B 22 -9.61 -7.07 -1.16
N LEU B 23 -9.61 -6.71 -2.45
CA LEU B 23 -10.62 -7.21 -3.37
C LEU B 23 -9.88 -7.94 -4.48
N ILE B 24 -9.95 -9.27 -4.46
CA ILE B 24 -9.07 -10.14 -5.19
C ILE B 24 -9.89 -10.80 -6.33
N ASP B 25 -9.52 -10.54 -7.58
CA ASP B 25 -10.21 -11.12 -8.76
C ASP B 25 -9.98 -12.64 -8.69
N SER B 26 -11.03 -13.47 -8.53
CA SER B 26 -10.83 -14.93 -8.76
C SER B 26 -11.60 -15.47 -9.99
N SER B 27 -11.73 -14.64 -11.01
CA SER B 27 -12.71 -14.91 -12.04
C SER B 27 -12.04 -15.65 -13.20
N GLY B 28 -12.86 -16.07 -14.18
CA GLY B 28 -12.33 -16.75 -15.38
C GLY B 28 -11.34 -15.91 -16.16
N SER B 29 -11.52 -14.59 -16.19
CA SER B 29 -10.52 -13.72 -16.86
C SER B 29 -9.11 -14.14 -16.43
N ILE B 30 -8.86 -14.10 -15.10
CA ILE B 30 -7.49 -14.23 -14.52
C ILE B 30 -6.71 -15.57 -14.76
N GLY B 31 -7.34 -16.74 -14.60
CA GLY B 31 -6.61 -18.05 -14.82
C GLY B 31 -5.96 -18.48 -13.52
N ILE B 32 -5.96 -19.79 -13.18
CA ILE B 32 -5.46 -20.24 -11.84
C ILE B 32 -4.07 -19.76 -11.53
N GLN B 33 -3.21 -19.73 -12.54
CA GLN B 33 -1.76 -19.57 -12.33
C GLN B 33 -1.52 -18.13 -11.87
N ASN B 34 -2.26 -17.21 -12.46
CA ASN B 34 -2.14 -15.77 -12.13
C ASN B 34 -2.83 -15.54 -10.76
N PHE B 35 -3.86 -16.32 -10.49
CA PHE B 35 -4.59 -16.19 -9.26
C PHE B 35 -3.69 -16.67 -8.11
N ARG B 36 -2.93 -17.76 -8.36
CA ARG B 36 -1.94 -18.25 -7.38
C ARG B 36 -0.86 -17.23 -7.06
N LEU B 37 -0.37 -16.57 -8.09
CA LEU B 37 0.58 -15.45 -7.96
C LEU B 37 0.02 -14.34 -7.07
N VAL B 38 -1.24 -13.94 -7.34
CA VAL B 38 -1.94 -12.94 -6.54
C VAL B 38 -1.96 -13.34 -5.09
N LYS B 39 -2.38 -14.58 -4.83
CA LYS B 39 -2.44 -15.04 -3.45
C LYS B 39 -1.03 -15.00 -2.81
N GLN B 40 0.00 -15.31 -3.61
CA GLN B 40 1.39 -15.31 -3.11
C GLN B 40 1.82 -13.89 -2.70
N PHE B 41 1.49 -12.97 -3.58
CA PHE B 41 1.76 -11.60 -3.37
C PHE B 41 1.03 -11.05 -2.15
N LEU B 42 -0.28 -11.36 -2.09
CA LEU B 42 -1.07 -10.89 -0.97
C LEU B 42 -0.54 -11.45 0.35
N HIS B 43 -0.13 -12.72 0.36
CA HIS B 43 0.45 -13.34 1.56
C HIS B 43 1.70 -12.52 2.05
N THR B 44 2.56 -12.18 1.10
CA THR B 44 3.80 -11.45 1.36
C THR B 44 3.44 -10.04 1.84
N PHE B 45 2.41 -9.45 1.24
CA PHE B 45 2.05 -8.09 1.64
C PHE B 45 1.51 -8.08 3.08
N LEU B 46 0.60 -8.99 3.37
CA LEU B 46 0.11 -9.10 4.70
C LEU B 46 1.26 -9.35 5.76
N MET B 47 2.24 -10.19 5.42
CA MET B 47 3.38 -10.45 6.33
C MET B 47 4.20 -9.18 6.65
N VAL B 48 4.33 -8.24 5.70
CA VAL B 48 5.06 -7.01 5.94
C VAL B 48 4.23 -5.84 6.54
N LEU B 49 2.90 -6.00 6.55
CA LEU B 49 2.05 -4.94 7.06
C LEU B 49 1.95 -4.99 8.53
N PRO B 50 1.84 -3.80 9.16
CA PRO B 50 1.71 -3.88 10.59
C PRO B 50 0.22 -4.14 10.96
N ILE B 51 -0.17 -5.41 10.95
CA ILE B 51 -1.53 -5.81 11.19
C ILE B 51 -1.77 -5.98 12.68
N GLY B 52 -2.84 -5.38 13.20
CA GLY B 52 -3.19 -5.58 14.60
C GLY B 52 -4.41 -4.75 14.99
N PRO B 53 -4.97 -5.01 16.18
CA PRO B 53 -6.22 -4.35 16.63
C PRO B 53 -6.14 -2.83 16.49
N GLU B 54 -4.98 -2.22 16.80
CA GLU B 54 -4.89 -0.76 16.79
C GLU B 54 -4.08 -0.25 15.63
N GLU B 55 -3.70 -1.15 14.76
CA GLU B 55 -2.91 -0.70 13.61
C GLU B 55 -3.73 -0.98 12.30
N VAL B 56 -3.22 -1.86 11.48
CA VAL B 56 -3.90 -2.15 10.19
C VAL B 56 -4.91 -3.24 10.43
N ASN B 57 -6.17 -3.00 10.01
CA ASN B 57 -7.20 -4.10 10.02
C ASN B 57 -7.40 -4.51 8.57
N ASN B 58 -7.53 -5.81 8.28
CA ASN B 58 -7.67 -6.21 6.90
C ASN B 58 -8.94 -7.01 6.73
N ALA B 59 -9.63 -6.75 5.63
CA ALA B 59 -10.69 -7.69 5.17
C ALA B 59 -10.33 -8.24 3.80
N VAL B 60 -10.83 -9.43 3.45
CA VAL B 60 -10.47 -10.00 2.16
C VAL B 60 -11.76 -10.51 1.49
N VAL B 61 -11.97 -10.08 0.26
CA VAL B 61 -13.15 -10.47 -0.54
C VAL B 61 -12.58 -10.92 -1.88
N THR B 62 -13.00 -12.08 -2.42
CA THR B 62 -12.68 -12.46 -3.80
C THR B 62 -13.96 -12.27 -4.61
N TYR B 63 -13.82 -12.01 -5.92
CA TYR B 63 -15.03 -11.81 -6.73
C TYR B 63 -14.95 -12.59 -8.01
N SER B 64 -16.09 -13.12 -8.43
CA SER B 64 -16.21 -13.60 -9.84
C SER B 64 -17.67 -13.42 -10.26
N THR B 65 -18.42 -14.48 -10.63
CA THR B 65 -19.87 -14.35 -10.82
C THR B 65 -20.51 -13.67 -9.60
N ASP B 66 -20.44 -14.31 -8.42
CA ASP B 66 -20.86 -13.66 -7.17
C ASP B 66 -19.64 -13.15 -6.41
N VAL B 67 -19.92 -12.49 -5.29
CA VAL B 67 -18.89 -12.01 -4.39
C VAL B 67 -18.73 -13.00 -3.25
N HIS B 68 -17.50 -13.24 -2.81
CA HIS B 68 -17.23 -14.20 -1.78
C HIS B 68 -16.42 -13.56 -0.66
N LEU B 69 -17.09 -13.20 0.42
CA LEU B 69 -16.39 -12.68 1.56
C LEU B 69 -15.48 -13.80 2.11
N GLN B 70 -14.20 -13.49 2.32
CA GLN B 70 -13.28 -14.44 2.96
C GLN B 70 -13.35 -14.11 4.43
N TRP B 71 -13.13 -12.83 4.79
CA TRP B 71 -13.46 -12.36 6.13
C TRP B 71 -13.64 -10.88 6.17
N ASP B 72 -14.41 -10.35 7.13
CA ASP B 72 -14.62 -8.87 7.24
C ASP B 72 -13.74 -8.26 8.35
N LEU B 73 -13.96 -6.99 8.70
CA LEU B 73 -13.06 -6.26 9.61
C LEU B 73 -13.24 -6.69 11.08
N GLN B 74 -14.30 -7.43 11.32
CA GLN B 74 -14.64 -7.92 12.66
C GLN B 74 -14.14 -9.35 12.90
N SER B 75 -13.56 -9.95 11.87
CA SER B 75 -12.95 -11.28 11.93
C SER B 75 -11.69 -11.26 12.83
N PRO B 76 -11.36 -12.43 13.44
CA PRO B 76 -10.05 -12.53 14.06
C PRO B 76 -8.94 -12.42 13.04
N ASN B 77 -9.18 -12.84 11.79
CA ASN B 77 -8.18 -12.66 10.76
C ASN B 77 -7.79 -11.22 10.49
N ALA B 78 -8.72 -10.32 10.67
CA ALA B 78 -8.57 -8.87 10.41
C ALA B 78 -7.48 -8.22 11.22
N VAL B 79 -7.20 -8.79 12.40
CA VAL B 79 -6.26 -8.16 13.37
C VAL B 79 -5.05 -9.05 13.78
N ASP B 80 -4.88 -10.19 13.13
CA ASP B 80 -3.83 -11.12 13.44
C ASP B 80 -3.17 -11.46 12.16
N LYS B 81 -1.92 -11.04 12.01
CA LYS B 81 -1.18 -11.24 10.74
C LYS B 81 -0.96 -12.69 10.39
N GLN B 82 -0.57 -13.52 11.36
CA GLN B 82 -0.36 -14.97 11.07
C GLN B 82 -1.69 -15.64 10.59
N LEU B 83 -2.80 -15.35 11.25
CA LEU B 83 -4.10 -15.88 10.75
C LEU B 83 -4.42 -15.45 9.30
N ALA B 84 -4.35 -14.14 9.04
CA ALA B 84 -4.68 -13.61 7.73
C ALA B 84 -3.75 -14.12 6.63
N ALA B 85 -2.43 -14.05 6.88
CA ALA B 85 -1.47 -14.50 5.87
C ALA B 85 -1.58 -15.99 5.59
N HIS B 86 -1.75 -16.80 6.61
CA HIS B 86 -1.97 -18.24 6.33
C HIS B 86 -3.29 -18.51 5.51
N ALA B 87 -4.35 -17.87 5.96
CA ALA B 87 -5.66 -18.04 5.33
C ALA B 87 -5.65 -17.61 3.90
N VAL B 88 -4.96 -16.53 3.53
CA VAL B 88 -5.14 -16.11 2.11
C VAL B 88 -4.64 -17.18 1.12
N LEU B 89 -3.74 -18.05 1.56
CA LEU B 89 -3.14 -19.02 0.61
C LEU B 89 -4.11 -20.06 0.08
N ASP B 90 -5.10 -20.38 0.87
CA ASP B 90 -6.02 -21.48 0.58
C ASP B 90 -7.33 -20.93 0.00
N MET B 91 -7.37 -19.66 -0.48
CA MET B 91 -8.65 -19.10 -1.03
C MET B 91 -8.91 -19.81 -2.32
N PRO B 92 -10.16 -20.30 -2.56
CA PRO B 92 -10.23 -21.09 -3.80
C PRO B 92 -10.42 -20.26 -5.05
N TYR B 93 -9.94 -20.78 -6.16
CA TYR B 93 -10.19 -20.19 -7.46
C TYR B 93 -11.66 -20.48 -7.89
N LYS B 94 -12.33 -19.49 -8.40
CA LYS B 94 -13.74 -19.56 -8.69
C LYS B 94 -14.10 -19.57 -10.17
N LYS B 95 -13.31 -18.92 -11.00
CA LYS B 95 -13.53 -18.96 -12.41
C LYS B 95 -14.92 -18.76 -12.94
N GLY B 96 -15.52 -17.62 -12.77
CA GLY B 96 -16.76 -17.37 -13.45
C GLY B 96 -16.68 -16.07 -14.19
N SER B 97 -17.74 -15.27 -14.18
CA SER B 97 -17.66 -13.98 -14.81
C SER B 97 -17.00 -13.02 -13.77
N THR B 98 -16.85 -11.75 -14.12
CA THR B 98 -15.99 -10.83 -13.37
C THR B 98 -16.83 -9.67 -12.77
N ASN B 99 -17.55 -9.95 -11.67
CA ASN B 99 -18.48 -8.95 -11.16
C ASN B 99 -17.76 -7.91 -10.25
N THR B 100 -17.03 -6.99 -10.88
CA THR B 100 -16.20 -6.04 -10.15
C THR B 100 -17.07 -5.11 -9.30
N SER B 101 -18.13 -4.61 -9.91
CA SER B 101 -18.96 -3.63 -9.29
C SER B 101 -19.57 -4.14 -7.97
N ASP B 102 -20.11 -5.35 -7.95
CA ASP B 102 -20.62 -5.95 -6.70
C ASP B 102 -19.47 -6.20 -5.67
N GLY B 103 -18.28 -6.52 -6.18
CA GLY B 103 -17.09 -6.68 -5.35
C GLY B 103 -16.81 -5.39 -4.63
N LEU B 104 -16.70 -4.31 -5.40
CA LEU B 104 -16.53 -3.00 -4.84
C LEU B 104 -17.62 -2.61 -3.83
N LYS B 105 -18.88 -2.90 -4.12
CA LYS B 105 -19.96 -2.60 -3.16
C LYS B 105 -19.83 -3.41 -1.85
N ALA B 106 -19.33 -4.63 -1.96
CA ALA B 106 -19.10 -5.44 -0.74
C ALA B 106 -17.97 -4.76 0.14
N CYS B 107 -16.83 -4.35 -0.49
CA CYS B 107 -15.80 -3.60 0.25
C CYS B 107 -16.35 -2.32 0.86
N LYS B 108 -17.20 -1.61 0.11
CA LYS B 108 -17.72 -0.36 0.57
C LYS B 108 -18.59 -0.59 1.83
N GLN B 109 -19.41 -1.62 1.83
CA GLN B 109 -20.22 -1.97 2.99
C GLN B 109 -19.33 -2.36 4.19
N ILE B 110 -18.30 -3.16 3.93
CA ILE B 110 -17.37 -3.55 5.05
C ILE B 110 -16.66 -2.29 5.62
N LEU B 111 -16.09 -1.45 4.75
CA LEU B 111 -15.33 -0.32 5.18
C LEU B 111 -16.19 0.73 5.92
N PHE B 112 -17.40 0.96 5.41
CA PHE B 112 -18.13 2.10 5.95
C PHE B 112 -19.22 1.74 6.94
N THR B 113 -19.52 0.47 7.11
CA THR B 113 -20.55 0.09 8.14
C THR B 113 -19.96 -1.01 9.06
N GLY B 114 -18.79 -1.50 8.71
CA GLY B 114 -18.38 -2.73 9.42
C GLY B 114 -17.02 -2.60 10.08
N SER B 115 -16.54 -1.38 10.27
CA SER B 115 -15.20 -1.22 10.88
C SER B 115 -15.29 -1.51 12.40
N ARG B 116 -14.15 -1.76 13.02
CA ARG B 116 -14.17 -2.06 14.49
C ARG B 116 -14.36 -0.75 15.22
N PRO B 117 -14.73 -0.81 16.51
CA PRO B 117 -15.06 0.46 17.22
C PRO B 117 -13.86 1.35 17.37
N GLY B 118 -14.04 2.66 17.27
CA GLY B 118 -12.91 3.55 17.54
C GLY B 118 -12.08 3.87 16.31
N ARG B 119 -12.58 3.55 15.10
CA ARG B 119 -11.78 3.72 13.85
C ARG B 119 -12.21 4.85 12.91
N GLU B 120 -12.98 5.81 13.45
CA GLU B 120 -13.60 6.82 12.58
C GLU B 120 -12.57 7.73 11.85
N HIS B 121 -11.44 7.98 12.50
CA HIS B 121 -10.34 8.76 11.96
C HIS B 121 -9.41 7.88 11.06
N VAL B 122 -9.68 6.56 10.97
CA VAL B 122 -8.76 5.66 10.24
C VAL B 122 -9.07 5.68 8.70
N PRO B 123 -8.10 5.96 7.85
CA PRO B 123 -8.38 5.89 6.37
C PRO B 123 -8.97 4.51 5.90
N LYS B 124 -9.83 4.55 4.87
CA LYS B 124 -10.50 3.36 4.36
C LYS B 124 -9.94 3.10 2.95
N LEU B 125 -9.26 1.97 2.77
CA LEU B 125 -8.62 1.67 1.46
C LEU B 125 -9.24 0.46 0.82
N VAL B 126 -9.51 0.51 -0.50
CA VAL B 126 -9.77 -0.72 -1.26
C VAL B 126 -8.46 -0.99 -1.95
N ILE B 127 -7.96 -2.22 -1.79
CA ILE B 127 -6.77 -2.59 -2.61
C ILE B 127 -7.20 -3.76 -3.50
N GLY B 128 -7.42 -3.41 -4.77
CA GLY B 128 -7.79 -4.40 -5.77
C GLY B 128 -6.56 -5.21 -6.18
N MET B 129 -6.73 -6.50 -6.48
CA MET B 129 -5.63 -7.29 -7.01
C MET B 129 -6.10 -8.09 -8.22
N THR B 130 -5.47 -7.83 -9.36
CA THR B 130 -5.78 -8.47 -10.62
C THR B 130 -4.59 -8.74 -11.51
N ASP B 131 -4.91 -9.15 -12.72
CA ASP B 131 -4.09 -9.23 -13.92
C ASP B 131 -3.30 -8.03 -14.24
N GLY B 132 -4.06 -6.96 -14.45
CA GLY B 132 -3.62 -5.72 -15.05
C GLY B 132 -4.33 -5.56 -16.37
N GLU B 133 -4.85 -6.66 -16.88
CA GLU B 133 -5.41 -6.67 -18.21
C GLU B 133 -6.72 -5.91 -18.38
N SER B 134 -7.75 -6.29 -17.63
CA SER B 134 -9.07 -5.72 -17.82
C SER B 134 -9.71 -5.30 -16.50
N ASP B 135 -9.06 -4.40 -15.81
CA ASP B 135 -9.48 -3.96 -14.50
C ASP B 135 -9.79 -2.47 -14.57
N SER B 136 -10.32 -2.05 -15.71
CA SER B 136 -10.73 -0.67 -15.90
C SER B 136 -12.01 -0.32 -15.11
N ASP B 137 -12.79 -1.34 -14.83
CA ASP B 137 -13.96 -1.25 -13.99
C ASP B 137 -13.67 -0.50 -12.69
N PHE B 138 -12.48 -0.71 -12.14
CA PHE B 138 -12.03 0.01 -10.95
C PHE B 138 -11.93 1.53 -11.15
N ARG B 139 -11.52 1.97 -12.34
CA ARG B 139 -11.39 3.43 -12.59
C ARG B 139 -12.75 4.03 -12.98
N THR B 140 -13.67 3.16 -13.39
CA THR B 140 -14.87 3.49 -14.13
C THR B 140 -16.22 3.40 -13.45
N VAL B 141 -16.50 2.26 -12.81
CA VAL B 141 -17.85 1.96 -12.37
C VAL B 141 -18.24 2.97 -11.28
N ARG B 142 -19.53 3.32 -11.25
CA ARG B 142 -20.14 4.14 -10.20
C ARG B 142 -19.74 3.64 -8.75
N ALA B 143 -19.74 2.32 -8.50
CA ALA B 143 -19.38 1.83 -7.15
C ALA B 143 -17.97 2.31 -6.71
N ALA B 144 -16.99 2.38 -7.61
CA ALA B 144 -15.70 3.01 -7.26
C ALA B 144 -15.76 4.49 -6.93
N LYS B 145 -16.52 5.26 -7.70
CA LYS B 145 -16.60 6.68 -7.43
C LYS B 145 -17.30 6.92 -6.08
N GLU B 146 -18.36 6.18 -5.79
CA GLU B 146 -19.04 6.31 -4.50
C GLU B 146 -18.03 6.16 -3.32
N ILE B 147 -17.17 5.11 -3.35
CA ILE B 147 -16.19 4.93 -2.26
C ILE B 147 -15.32 6.14 -2.14
N ARG B 148 -14.92 6.69 -3.27
CA ARG B 148 -14.02 7.85 -3.22
C ARG B 148 -14.79 9.07 -2.62
N GLU B 149 -16.06 9.18 -2.95
CA GLU B 149 -16.90 10.29 -2.46
C GLU B 149 -17.05 10.18 -0.94
N LEU B 150 -17.20 8.93 -0.45
CA LEU B 150 -17.20 8.66 1.00
C LEU B 150 -15.87 8.93 1.65
N GLY B 151 -14.83 9.20 0.88
CA GLY B 151 -13.48 9.50 1.40
C GLY B 151 -12.57 8.24 1.36
N GLY B 152 -13.01 7.17 0.72
CA GLY B 152 -12.21 5.95 0.58
C GLY B 152 -11.12 6.10 -0.47
N ILE B 153 -10.08 5.28 -0.43
CA ILE B 153 -9.04 5.35 -1.45
C ILE B 153 -9.02 4.03 -2.17
N VAL B 154 -9.19 4.07 -3.49
CA VAL B 154 -9.28 2.82 -4.27
C VAL B 154 -8.06 2.69 -5.15
N THR B 155 -7.30 1.62 -4.99
CA THR B 155 -6.09 1.41 -5.82
C THR B 155 -6.13 -0.03 -6.36
N VAL B 156 -5.62 -0.30 -7.57
CA VAL B 156 -5.64 -1.69 -8.08
C VAL B 156 -4.22 -2.11 -8.37
N LEU B 157 -3.78 -3.28 -7.87
CA LEU B 157 -2.42 -3.79 -8.12
C LEU B 157 -2.54 -4.82 -9.21
N ALA B 158 -1.60 -4.82 -10.13
CA ALA B 158 -1.64 -5.68 -11.32
C ALA B 158 -0.45 -6.60 -11.17
N VAL B 159 -0.71 -7.83 -10.80
CA VAL B 159 0.33 -8.81 -10.50
C VAL B 159 0.45 -9.65 -11.79
N GLY B 160 1.56 -9.51 -12.51
CA GLY B 160 1.69 -10.03 -13.89
C GLY B 160 3.07 -10.63 -14.09
#